data_6D8V
#
_entry.id   6D8V
#
_cell.length_a   119.040
_cell.length_b   119.040
_cell.length_c   121.580
_cell.angle_alpha   90.000
_cell.angle_beta   90.000
_cell.angle_gamma   120.000
#
_symmetry.space_group_name_H-M   'P 62 2 2'
#
loop_
_entity.id
_entity.type
_entity.pdbx_description
1 polymer 'Probable chemoreceptor (Methyl-accepting chemotaxis) transmembrane protein'
2 non-polymer 2-AMINO-2-HYDROXYMETHYL-PROPANE-1,3-DIOL
3 non-polymer 1,1-DIMETHYL-PROLINIUM
4 water water
#
_entity_poly.entity_id   1
_entity_poly.type   'polypeptide(L)'
_entity_poly.pdbx_seq_one_letter_code
;DRVETLVFDGAKTEARAIASDIAGSVGELAAAARTMSGVLGRGHAGQSTDRAGAINLLKANLEQHGFAFGSWFAEEPKAY
DGKDVIDNTERGGNADGAFTPYWSKDRNGNIQLSTFKADYAAEWYGLAAKSGKGAITQPYLAEGTDVPTTMTSIAYPVMS
NGRMIGVSGVDISLAALADRLSAVKPFGSGRVYLLSQSGKWLAAPIPELLMKEYDGEGVESVKDALSTGTPRMIENLTYD
GNEPFDRVVYPFSLPDVNAQWLVLVDVPR
;
_entity_poly.pdbx_strand_id   A
#
loop_
_chem_comp.id
_chem_comp.type
_chem_comp.name
_chem_comp.formula
PBE non-polymer 1,1-DIMETHYL-PROLINIUM 'C7 H14 N O2 1'
TRS non-polymer 2-AMINO-2-HYDROXYMETHYL-PROPANE-1,3-DIOL 'C4 H12 N O3 1'
#
# COMPACT_ATOMS: atom_id res chain seq x y z
N ASP A 1 -17.86 -30.89 9.46
CA ASP A 1 -16.87 -31.80 10.06
C ASP A 1 -16.22 -31.16 11.27
N ARG A 2 -16.01 -31.94 12.34
CA ARG A 2 -15.37 -31.39 13.53
C ARG A 2 -13.88 -31.15 13.32
N VAL A 3 -13.26 -31.83 12.34
CA VAL A 3 -11.89 -31.54 11.99
C VAL A 3 -11.82 -30.25 11.17
N GLU A 4 -12.57 -30.20 10.07
CA GLU A 4 -12.56 -29.01 9.23
C GLU A 4 -13.03 -27.78 9.98
N THR A 5 -13.99 -27.93 10.90
CA THR A 5 -14.44 -26.79 11.68
C THR A 5 -13.31 -26.25 12.55
N LEU A 6 -12.59 -27.15 13.24
CA LEU A 6 -11.46 -26.73 14.06
C LEU A 6 -10.36 -26.07 13.24
N VAL A 7 -10.09 -26.58 12.04
CA VAL A 7 -9.13 -25.91 11.17
C VAL A 7 -9.64 -24.51 10.83
N PHE A 8 -10.92 -24.41 10.49
CA PHE A 8 -11.50 -23.10 10.17
C PHE A 8 -11.38 -22.14 11.36
N ASP A 9 -11.68 -22.59 12.57
CA ASP A 9 -11.58 -21.70 13.72
C ASP A 9 -10.14 -21.25 13.96
N GLY A 10 -9.22 -22.21 14.13
CA GLY A 10 -7.83 -21.85 14.40
C GLY A 10 -7.27 -20.88 13.37
N ALA A 11 -7.49 -21.16 12.09
CA ALA A 11 -7.08 -20.24 11.03
C ALA A 11 -7.74 -18.87 11.19
N LYS A 12 -9.03 -18.85 11.53
CA LYS A 12 -9.71 -17.57 11.76
C LYS A 12 -9.05 -16.81 12.90
N THR A 13 -8.77 -17.50 14.01
CA THR A 13 -8.17 -16.84 15.17
C THR A 13 -6.84 -16.21 14.82
N GLU A 14 -6.05 -16.89 13.99
CA GLU A 14 -4.75 -16.40 13.59
C GLU A 14 -4.87 -15.31 12.53
N ALA A 15 -5.82 -15.45 11.60
CA ALA A 15 -6.08 -14.38 10.63
C ALA A 15 -6.55 -13.12 11.33
N ARG A 16 -7.40 -13.26 12.35
CA ARG A 16 -7.80 -12.10 13.16
C ARG A 16 -6.57 -11.41 13.74
N ALA A 17 -5.61 -12.18 14.24
CA ALA A 17 -4.35 -11.60 14.74
C ALA A 17 -3.57 -10.90 13.63
N ILE A 18 -3.47 -11.54 12.45
CA ILE A 18 -2.69 -10.96 11.35
C ILE A 18 -3.34 -9.69 10.86
N ALA A 19 -4.68 -9.68 10.78
CA ALA A 19 -5.39 -8.54 10.21
C ALA A 19 -5.23 -7.30 11.08
N SER A 20 -5.28 -7.45 12.40
CA SER A 20 -5.17 -6.26 13.24
C SER A 20 -3.75 -5.68 13.19
N ASP A 21 -2.75 -6.53 12.96
CA ASP A 21 -1.40 -6.03 12.78
C ASP A 21 -1.26 -5.29 11.47
N ILE A 22 -1.71 -5.88 10.35
CA ILE A 22 -1.66 -5.17 9.08
C ILE A 22 -2.51 -3.90 9.15
N ALA A 23 -3.75 -4.03 9.63
CA ALA A 23 -4.63 -2.87 9.68
C ALA A 23 -4.06 -1.76 10.56
N GLY A 24 -3.42 -2.13 11.67
CA GLY A 24 -2.78 -1.14 12.50
C GLY A 24 -1.65 -0.44 11.79
N SER A 25 -0.69 -1.21 11.28
CA SER A 25 0.39 -0.63 10.49
C SER A 25 -0.15 0.29 9.39
N VAL A 26 -1.16 -0.17 8.63
CA VAL A 26 -1.73 0.66 7.56
C VAL A 26 -2.32 1.94 8.13
N GLY A 27 -3.20 1.82 9.14
CA GLY A 27 -3.83 2.99 9.72
C GLY A 27 -2.83 4.00 10.23
N GLU A 28 -1.72 3.52 10.80
CA GLU A 28 -0.69 4.42 11.33
C GLU A 28 0.01 5.17 10.20
N LEU A 29 0.30 4.48 9.09
CA LEU A 29 0.87 5.17 7.93
C LEU A 29 -0.14 6.13 7.30
N ALA A 30 -1.38 5.68 7.15
CA ALA A 30 -2.42 6.57 6.63
C ALA A 30 -2.48 7.86 7.44
N ALA A 31 -2.40 7.75 8.77
CA ALA A 31 -2.39 8.95 9.62
C ALA A 31 -1.16 9.82 9.35
N ALA A 32 0.01 9.19 9.18
CA ALA A 32 1.21 9.96 8.86
C ALA A 32 1.11 10.61 7.49
N ALA A 33 0.47 9.94 6.53
CA ALA A 33 0.26 10.56 5.23
C ALA A 33 -0.70 11.75 5.36
N ARG A 34 -1.84 11.56 6.03
CA ARG A 34 -2.80 12.65 6.18
C ARG A 34 -2.19 13.85 6.91
N THR A 35 -1.43 13.60 7.97
CA THR A 35 -0.72 14.69 8.62
C THR A 35 0.20 15.43 7.65
N MET A 36 1.00 14.68 6.88
CA MET A 36 1.91 15.31 5.92
C MET A 36 1.13 16.14 4.90
N SER A 37 0.06 15.57 4.34
CA SER A 37 -0.80 16.33 3.45
C SER A 37 -1.22 17.66 4.07
N GLY A 38 -1.44 17.66 5.39
CA GLY A 38 -1.83 18.89 6.06
C GLY A 38 -0.71 19.91 6.11
N VAL A 39 0.46 19.49 6.63
CA VAL A 39 1.56 20.44 6.78
C VAL A 39 2.01 20.97 5.42
N LEU A 40 1.92 20.14 4.38
CA LEU A 40 2.22 20.64 3.04
C LEU A 40 1.16 21.63 2.57
N GLY A 41 -0.11 21.38 2.90
CA GLY A 41 -1.19 22.30 2.57
C GLY A 41 -1.16 23.59 3.37
N ARG A 42 -1.16 23.49 4.70
CA ARG A 42 -1.06 24.71 5.52
C ARG A 42 0.22 25.47 5.21
N GLY A 43 1.34 24.75 5.04
CA GLY A 43 2.58 25.42 4.66
C GLY A 43 2.47 26.17 3.35
N HIS A 44 1.56 25.76 2.48
CA HIS A 44 1.29 26.49 1.26
C HIS A 44 0.35 27.66 1.51
N ALA A 45 -0.72 27.42 2.26
CA ALA A 45 -1.69 28.49 2.54
C ALA A 45 -1.01 29.73 3.10
N GLY A 46 -0.08 29.55 4.04
CA GLY A 46 0.50 30.69 4.72
C GLY A 46 1.92 31.03 4.30
N GLN A 47 2.35 30.53 3.14
CA GLN A 47 3.72 30.68 2.68
C GLN A 47 4.71 30.49 3.82
N SER A 48 4.50 29.40 4.57
CA SER A 48 5.41 28.98 5.62
C SER A 48 6.53 28.08 5.11
N THR A 49 6.36 27.48 3.93
CA THR A 49 7.38 26.62 3.35
C THR A 49 7.48 26.91 1.87
N ASP A 50 8.70 27.13 1.40
CA ASP A 50 8.96 27.29 -0.03
C ASP A 50 8.89 25.92 -0.70
N ARG A 51 9.28 25.86 -1.97
CA ARG A 51 9.34 24.56 -2.64
C ARG A 51 10.53 23.74 -2.15
N ALA A 52 11.63 24.40 -1.80
CA ALA A 52 12.79 23.70 -1.27
C ALA A 52 12.45 23.00 0.04
N GLY A 53 11.83 23.73 0.97
CA GLY A 53 11.48 23.16 2.26
C GLY A 53 10.46 22.04 2.20
N ALA A 54 9.51 22.14 1.26
CA ALA A 54 8.56 21.04 1.09
C ALA A 54 9.30 19.72 0.93
N ILE A 55 10.41 19.72 0.18
CA ILE A 55 11.22 18.51 0.06
C ILE A 55 11.83 18.13 1.40
N ASN A 56 12.44 19.09 2.11
CA ASN A 56 12.95 18.82 3.44
C ASN A 56 11.91 18.12 4.31
N LEU A 57 10.74 18.73 4.44
CA LEU A 57 9.72 18.18 5.34
C LEU A 57 9.27 16.80 4.90
N LEU A 58 9.18 16.55 3.59
CA LEU A 58 8.66 15.29 3.10
C LEU A 58 9.48 14.10 3.57
N LYS A 59 10.75 14.31 3.93
CA LYS A 59 11.58 13.20 4.36
C LYS A 59 11.24 12.73 5.77
N ALA A 60 10.51 13.54 6.54
CA ALA A 60 10.19 13.17 7.92
C ALA A 60 9.40 11.88 7.99
N ASN A 61 8.55 11.62 7.00
CA ASN A 61 7.67 10.46 7.05
C ASN A 61 8.43 9.15 6.96
N LEU A 62 9.62 9.16 6.35
CA LEU A 62 10.44 7.94 6.28
C LEU A 62 11.34 7.79 7.49
N GLU A 63 11.82 8.90 8.06
CA GLU A 63 12.66 8.83 9.25
C GLU A 63 11.87 8.35 10.46
N GLN A 64 10.55 8.57 10.51
CA GLN A 64 9.79 8.24 11.70
C GLN A 64 9.01 6.93 11.60
N HIS A 65 8.78 6.41 10.40
CA HIS A 65 8.00 5.18 10.23
C HIS A 65 8.80 4.22 9.35
N GLY A 66 9.38 3.20 9.96
CA GLY A 66 10.18 2.23 9.22
C GLY A 66 9.38 1.41 8.24
N PHE A 67 8.07 1.30 8.45
CA PHE A 67 7.24 0.49 7.56
C PHE A 67 6.87 1.21 6.27
N ALA A 68 7.23 2.47 6.12
CA ALA A 68 7.01 3.22 4.89
C ALA A 68 8.23 3.07 3.98
N PHE A 69 8.00 2.64 2.73
CA PHE A 69 9.10 2.52 1.78
C PHE A 69 9.49 3.86 1.19
N GLY A 70 8.53 4.77 1.06
CA GLY A 70 8.78 6.05 0.42
C GLY A 70 7.69 7.04 0.72
N SER A 71 8.03 8.32 0.56
CA SER A 71 7.14 9.44 0.80
C SER A 71 7.23 10.37 -0.39
N TRP A 72 6.08 10.77 -0.94
CA TRP A 72 6.10 11.54 -2.19
C TRP A 72 5.03 12.62 -2.15
N PHE A 73 5.04 13.44 -3.21
CA PHE A 73 4.02 14.46 -3.42
C PHE A 73 3.96 14.80 -4.89
N ALA A 74 2.81 14.57 -5.51
CA ALA A 74 2.55 15.00 -6.88
C ALA A 74 1.68 16.26 -6.85
N GLU A 75 2.17 17.32 -7.46
CA GLU A 75 1.54 18.64 -7.39
C GLU A 75 0.70 18.91 -8.64
N GLU A 76 -0.55 19.31 -8.43
CA GLU A 76 -1.38 19.79 -9.53
C GLU A 76 -0.58 20.78 -10.38
N PRO A 77 -0.74 20.75 -11.71
CA PRO A 77 0.19 21.48 -12.58
C PRO A 77 0.32 22.97 -12.28
N LYS A 78 1.55 23.39 -11.98
CA LYS A 78 1.98 24.74 -11.60
C LYS A 78 1.48 25.18 -10.22
N ALA A 79 0.83 24.30 -9.45
CA ALA A 79 0.07 24.75 -8.29
C ALA A 79 0.96 25.25 -7.17
N TYR A 80 2.07 24.56 -6.87
CA TYR A 80 2.84 24.88 -5.68
C TYR A 80 3.42 26.29 -5.69
N ASP A 81 4.34 26.57 -6.62
CA ASP A 81 4.96 27.89 -6.65
C ASP A 81 5.15 28.44 -8.06
N GLY A 82 4.72 27.72 -9.10
CA GLY A 82 4.75 28.25 -10.45
C GLY A 82 6.11 28.48 -11.05
N LYS A 83 7.20 28.21 -10.34
CA LYS A 83 8.53 28.43 -10.88
C LYS A 83 8.85 27.41 -11.98
N ASP A 84 9.77 27.79 -12.86
CA ASP A 84 10.28 26.85 -13.86
C ASP A 84 10.94 25.66 -13.17
N VAL A 85 10.81 24.49 -13.77
CA VAL A 85 11.05 23.27 -13.00
C VAL A 85 11.78 22.19 -13.80
N ILE A 86 12.09 22.47 -15.06
CA ILE A 86 12.56 21.40 -15.96
C ILE A 86 13.81 20.74 -15.39
N ASP A 87 13.70 19.45 -15.09
CA ASP A 87 14.81 18.56 -14.75
C ASP A 87 15.78 19.13 -13.72
N ASN A 88 15.38 19.12 -12.45
CA ASN A 88 16.25 19.45 -11.33
C ASN A 88 15.79 18.56 -10.19
N THR A 89 16.35 17.34 -10.13
CA THR A 89 15.89 16.36 -9.16
C THR A 89 16.07 16.86 -7.73
N GLU A 90 17.11 17.66 -7.48
CA GLU A 90 17.29 18.23 -6.14
C GLU A 90 16.26 19.30 -5.81
N ARG A 91 15.44 19.72 -6.77
CA ARG A 91 14.34 20.65 -6.52
C ARG A 91 13.00 20.07 -6.99
N GLY A 92 12.90 18.75 -7.08
CA GLY A 92 11.63 18.10 -7.38
C GLY A 92 11.11 18.29 -8.80
N GLY A 93 12.01 18.41 -9.78
CA GLY A 93 11.58 18.58 -11.16
C GLY A 93 11.79 17.37 -12.04
N ASN A 94 10.72 16.85 -12.63
CA ASN A 94 10.79 15.73 -13.55
C ASN A 94 11.02 16.24 -14.98
N ALA A 95 11.26 15.29 -15.90
CA ALA A 95 11.44 15.66 -17.30
C ALA A 95 10.22 16.40 -17.85
N ASP A 96 9.03 16.07 -17.35
CA ASP A 96 7.82 16.73 -17.82
C ASP A 96 7.72 18.18 -17.36
N GLY A 97 8.47 18.56 -16.33
CA GLY A 97 8.39 19.91 -15.80
C GLY A 97 7.30 20.07 -14.75
N ALA A 98 7.34 19.23 -13.72
CA ALA A 98 6.31 19.28 -12.68
C ALA A 98 6.94 18.95 -11.34
N PHE A 99 6.44 19.60 -10.28
CA PHE A 99 6.98 19.42 -8.94
C PHE A 99 6.60 18.04 -8.43
N THR A 100 7.58 17.13 -8.42
CA THR A 100 7.35 15.73 -8.06
C THR A 100 8.51 15.22 -7.22
N PRO A 101 8.58 15.61 -5.95
CA PRO A 101 9.62 15.08 -5.06
C PRO A 101 9.27 13.68 -4.59
N TYR A 102 10.31 12.89 -4.35
CA TYR A 102 10.09 11.50 -3.95
C TYR A 102 11.29 11.00 -3.14
N TRP A 103 11.07 10.80 -1.84
CA TRP A 103 12.02 10.10 -1.00
C TRP A 103 11.70 8.61 -0.98
N SER A 104 12.69 7.78 -1.22
CA SER A 104 12.50 6.33 -1.30
C SER A 104 13.76 5.64 -0.77
N LYS A 105 13.65 4.33 -0.60
CA LYS A 105 14.80 3.52 -0.25
C LYS A 105 15.45 2.95 -1.51
N ASP A 106 16.75 2.76 -1.44
CA ASP A 106 17.52 2.21 -2.54
C ASP A 106 17.84 0.75 -2.23
N ARG A 107 18.74 0.15 -3.02
CA ARG A 107 19.06 -1.26 -2.86
C ARG A 107 19.72 -1.56 -1.51
N ASN A 108 20.44 -0.59 -0.95
CA ASN A 108 21.23 -0.80 0.26
C ASN A 108 20.51 -0.38 1.53
N GLY A 109 19.25 0.04 1.44
CA GLY A 109 18.52 0.47 2.61
C GLY A 109 18.78 1.89 3.05
N ASN A 110 19.15 2.78 2.12
CA ASN A 110 19.36 4.19 2.40
C ASN A 110 18.32 5.02 1.66
N ILE A 111 18.24 6.30 1.97
CA ILE A 111 17.19 7.17 1.46
C ILE A 111 17.76 8.04 0.35
N GLN A 112 17.01 8.15 -0.75
CA GLN A 112 17.44 8.93 -1.91
C GLN A 112 16.28 9.78 -2.39
N LEU A 113 16.62 10.88 -3.06
CA LEU A 113 15.64 11.80 -3.61
C LEU A 113 15.43 11.47 -5.08
N SER A 114 14.25 10.95 -5.41
CA SER A 114 13.94 10.56 -6.78
C SER A 114 12.99 11.60 -7.39
N THR A 115 12.42 11.24 -8.54
CA THR A 115 11.39 12.05 -9.17
C THR A 115 10.63 11.15 -10.13
N PHE A 116 9.35 11.48 -10.35
CA PHE A 116 8.45 10.60 -11.09
C PHE A 116 7.57 11.43 -12.01
N LYS A 117 6.88 10.73 -12.91
CA LYS A 117 6.00 11.38 -13.87
C LYS A 117 4.64 11.65 -13.25
N ALA A 118 4.03 12.77 -13.65
CA ALA A 118 2.75 13.20 -13.10
C ALA A 118 1.62 12.54 -13.88
N ASP A 119 1.37 11.27 -13.57
CA ASP A 119 0.32 10.48 -14.23
C ASP A 119 -0.98 10.67 -13.45
N TYR A 120 -1.69 11.75 -13.77
CA TYR A 120 -2.90 12.13 -13.02
C TYR A 120 -3.99 11.05 -13.09
N ALA A 121 -4.04 10.28 -14.18
CA ALA A 121 -5.04 9.23 -14.26
C ALA A 121 -4.61 7.96 -13.53
N ALA A 122 -3.38 7.90 -13.03
CA ALA A 122 -2.92 6.74 -12.30
C ALA A 122 -3.66 6.60 -10.98
N GLU A 123 -3.78 5.36 -10.51
CA GLU A 123 -4.55 5.12 -9.30
C GLU A 123 -4.03 5.97 -8.14
N TRP A 124 -2.71 6.05 -7.98
CA TRP A 124 -2.16 6.70 -6.79
C TRP A 124 -2.49 8.18 -6.74
N TYR A 125 -2.80 8.80 -7.88
CA TYR A 125 -3.27 10.18 -7.91
C TYR A 125 -4.78 10.30 -8.09
N GLY A 126 -5.35 9.51 -9.01
CA GLY A 126 -6.76 9.69 -9.32
C GLY A 126 -7.68 9.36 -8.17
N LEU A 127 -7.44 8.24 -7.50
CA LEU A 127 -8.35 7.78 -6.44
C LEU A 127 -8.56 8.86 -5.38
N ALA A 128 -7.47 9.34 -4.78
CA ALA A 128 -7.57 10.36 -3.75
C ALA A 128 -8.13 11.67 -4.29
N ALA A 129 -7.78 12.04 -5.52
CA ALA A 129 -8.24 13.31 -6.06
C ALA A 129 -9.72 13.27 -6.43
N LYS A 130 -10.22 12.13 -6.91
CA LYS A 130 -11.62 12.06 -7.30
C LYS A 130 -12.56 11.95 -6.11
N SER A 131 -12.13 11.30 -5.03
CA SER A 131 -12.96 11.12 -3.85
C SER A 131 -12.76 12.20 -2.80
N GLY A 132 -11.70 12.98 -2.88
CA GLY A 132 -11.41 13.99 -1.88
C GLY A 132 -11.03 13.41 -0.54
N LYS A 133 -10.99 12.09 -0.46
CA LYS A 133 -10.66 11.40 0.78
C LYS A 133 -9.44 10.52 0.55
N GLY A 134 -8.76 10.18 1.65
CA GLY A 134 -7.61 9.30 1.56
C GLY A 134 -7.95 7.99 0.90
N ALA A 135 -6.98 7.41 0.18
CA ALA A 135 -7.21 6.20 -0.59
C ALA A 135 -5.94 5.35 -0.60
N ILE A 136 -6.10 4.11 -1.07
CA ILE A 136 -5.00 3.14 -1.16
C ILE A 136 -5.10 2.41 -2.49
N THR A 137 -3.96 2.17 -3.13
CA THR A 137 -3.93 1.70 -4.51
C THR A 137 -3.83 0.18 -4.59
N GLN A 138 -4.28 -0.34 -5.73
CA GLN A 138 -3.95 -1.71 -6.07
C GLN A 138 -2.45 -1.81 -6.26
N PRO A 139 -1.87 -2.99 -6.01
CA PRO A 139 -0.42 -3.12 -6.12
C PRO A 139 0.05 -2.79 -7.54
N TYR A 140 1.10 -1.97 -7.60
CA TYR A 140 1.63 -1.52 -8.88
C TYR A 140 3.14 -1.40 -8.77
N LEU A 141 3.79 -1.49 -9.93
CA LEU A 141 5.23 -1.35 -10.01
C LEU A 141 5.59 0.13 -10.05
N ALA A 142 6.33 0.58 -9.04
CA ALA A 142 6.73 1.98 -8.91
C ALA A 142 7.82 2.36 -9.91
N GLU A 143 7.74 3.62 -10.40
CA GLU A 143 8.66 4.16 -11.40
C GLU A 143 9.88 4.84 -10.80
N GLY A 144 9.67 5.77 -9.87
CA GLY A 144 10.76 6.59 -9.39
C GLY A 144 11.71 5.92 -8.43
N THR A 145 11.44 4.67 -8.07
CA THR A 145 12.31 3.97 -7.12
C THR A 145 13.65 3.67 -7.76
N ASP A 146 14.70 3.65 -6.93
CA ASP A 146 16.03 3.28 -7.38
C ASP A 146 15.94 2.02 -8.21
N VAL A 147 15.60 0.92 -7.55
CA VAL A 147 15.40 -0.36 -8.23
C VAL A 147 13.90 -0.60 -8.35
N PRO A 148 13.44 -1.12 -9.48
CA PRO A 148 12.01 -1.44 -9.62
C PRO A 148 11.51 -2.23 -8.44
N THR A 149 10.40 -1.78 -7.86
CA THR A 149 9.85 -2.42 -6.68
C THR A 149 8.33 -2.31 -6.70
N THR A 150 7.67 -3.41 -6.34
CA THR A 150 6.22 -3.47 -6.33
C THR A 150 5.68 -3.01 -4.97
N MET A 151 4.79 -2.02 -4.98
CA MET A 151 4.34 -1.38 -3.75
C MET A 151 2.87 -1.00 -3.88
N THR A 152 2.25 -0.75 -2.74
CA THR A 152 0.94 -0.12 -2.64
C THR A 152 1.11 1.26 -2.02
N SER A 153 0.26 2.20 -2.42
CA SER A 153 0.42 3.59 -2.01
C SER A 153 -0.82 4.12 -1.30
N ILE A 154 -0.60 4.77 -0.16
CA ILE A 154 -1.63 5.46 0.59
C ILE A 154 -1.48 6.95 0.27
N ALA A 155 -2.49 7.52 -0.35
CA ALA A 155 -2.41 8.89 -0.83
C ALA A 155 -3.57 9.71 -0.30
N TYR A 156 -3.30 10.98 -0.04
CA TYR A 156 -4.25 11.94 0.50
C TYR A 156 -4.21 13.22 -0.33
N PRO A 157 -5.35 13.89 -0.45
CA PRO A 157 -5.35 15.19 -1.14
C PRO A 157 -4.67 16.25 -0.28
N VAL A 158 -3.85 17.07 -0.93
CA VAL A 158 -3.22 18.21 -0.29
C VAL A 158 -4.04 19.46 -0.61
N MET A 159 -4.51 20.15 0.43
CA MET A 159 -5.40 21.30 0.26
C MET A 159 -4.70 22.58 0.69
N SER A 160 -5.01 23.68 -0.01
CA SER A 160 -4.42 24.98 0.29
C SER A 160 -5.53 26.03 0.14
N ASN A 161 -6.14 26.40 1.27
CA ASN A 161 -7.24 27.36 1.28
C ASN A 161 -8.44 26.87 0.47
N GLY A 162 -8.88 25.65 0.77
CA GLY A 162 -10.09 25.11 0.18
C GLY A 162 -10.01 24.69 -1.27
N ARG A 163 -8.85 24.81 -1.92
CA ARG A 163 -8.65 24.32 -3.28
C ARG A 163 -7.47 23.37 -3.29
N MET A 164 -7.66 22.17 -3.83
CA MET A 164 -6.60 21.18 -3.78
C MET A 164 -5.50 21.54 -4.77
N ILE A 165 -4.25 21.31 -4.36
CA ILE A 165 -3.08 21.67 -5.14
C ILE A 165 -2.21 20.47 -5.49
N GLY A 166 -2.62 19.26 -5.11
CA GLY A 166 -1.86 18.08 -5.44
C GLY A 166 -2.20 16.94 -4.49
N VAL A 167 -1.39 15.88 -4.61
CA VAL A 167 -1.59 14.66 -3.83
C VAL A 167 -0.28 14.29 -3.17
N SER A 168 -0.33 13.98 -1.87
CA SER A 168 0.79 13.39 -1.15
C SER A 168 0.43 11.97 -0.70
N GLY A 169 1.45 11.14 -0.56
CA GLY A 169 1.20 9.77 -0.15
C GLY A 169 2.44 9.08 0.36
N VAL A 170 2.24 7.86 0.84
CA VAL A 170 3.26 7.02 1.46
C VAL A 170 3.20 5.64 0.80
N ASP A 171 4.31 4.91 0.80
CA ASP A 171 4.38 3.63 0.10
C ASP A 171 4.67 2.48 1.04
N ILE A 172 4.06 1.33 0.75
CA ILE A 172 4.35 0.07 1.42
C ILE A 172 4.82 -0.90 0.36
N SER A 173 6.09 -1.29 0.44
CA SER A 173 6.61 -2.25 -0.52
C SER A 173 5.98 -3.61 -0.31
N LEU A 174 5.73 -4.32 -1.41
CA LEU A 174 5.15 -5.64 -1.27
C LEU A 174 6.06 -6.58 -0.50
N ALA A 175 7.36 -6.26 -0.44
CA ALA A 175 8.31 -7.03 0.37
C ALA A 175 8.10 -6.76 1.86
N ALA A 176 7.95 -5.49 2.23
CA ALA A 176 7.66 -5.16 3.63
C ALA A 176 6.45 -5.93 4.15
N LEU A 177 5.38 -6.02 3.36
CA LEU A 177 4.22 -6.81 3.77
C LEU A 177 4.62 -8.27 3.99
N ALA A 178 5.27 -8.87 3.00
CA ALA A 178 5.76 -10.24 3.13
C ALA A 178 6.57 -10.42 4.41
N ASP A 179 7.40 -9.43 4.75
CA ASP A 179 8.21 -9.51 5.96
C ASP A 179 7.34 -9.56 7.21
N ARG A 180 6.35 -8.68 7.30
CA ARG A 180 5.47 -8.69 8.47
C ARG A 180 4.76 -10.03 8.62
N LEU A 181 4.34 -10.63 7.51
CA LEU A 181 3.66 -11.91 7.59
C LEU A 181 4.57 -13.03 8.06
N SER A 182 5.87 -12.81 8.10
CA SER A 182 6.78 -13.73 8.76
C SER A 182 7.26 -13.21 10.12
N ALA A 183 7.19 -11.93 10.39
CA ALA A 183 7.49 -11.47 11.74
C ALA A 183 6.43 -11.91 12.76
N VAL A 184 5.19 -11.98 12.34
CA VAL A 184 4.14 -12.55 13.13
C VAL A 184 3.77 -13.87 12.43
N LYS A 185 4.04 -14.98 13.08
CA LYS A 185 4.40 -16.19 12.40
C LYS A 185 3.32 -16.93 11.67
N PRO A 186 3.77 -17.82 10.68
CA PRO A 186 2.74 -18.69 10.11
C PRO A 186 2.48 -20.01 10.85
N PHE A 187 1.52 -20.81 10.39
CA PHE A 187 0.80 -21.82 11.19
C PHE A 187 1.69 -22.96 11.70
N GLY A 188 2.90 -23.00 11.20
CA GLY A 188 3.90 -23.99 11.59
C GLY A 188 3.57 -25.01 10.57
N SER A 189 4.33 -25.03 9.52
CA SER A 189 3.93 -25.76 8.37
C SER A 189 2.68 -25.12 7.87
N GLY A 190 2.51 -23.84 8.09
CA GLY A 190 1.33 -23.18 7.63
C GLY A 190 1.89 -21.99 7.00
N ARG A 191 1.28 -21.51 5.96
CA ARG A 191 1.68 -20.28 5.28
C ARG A 191 0.53 -19.28 5.31
N VAL A 192 0.86 -18.01 5.44
CA VAL A 192 -0.17 -16.97 5.35
C VAL A 192 0.20 -16.07 4.18
N TYR A 193 -0.82 -15.66 3.44
CA TYR A 193 -0.67 -14.80 2.28
C TYR A 193 -1.67 -13.66 2.42
N LEU A 194 -1.78 -12.82 1.39
CA LEU A 194 -2.54 -11.59 1.50
C LEU A 194 -3.01 -11.14 0.12
N LEU A 195 -4.31 -10.90 -0.01
CA LEU A 195 -4.93 -10.43 -1.24
C LEU A 195 -5.39 -8.99 -1.09
N SER A 196 -5.45 -8.28 -2.21
CA SER A 196 -5.80 -6.86 -2.22
C SER A 196 -7.31 -6.67 -2.27
N GLN A 197 -7.71 -5.40 -2.43
CA GLN A 197 -9.12 -5.02 -2.51
C GLN A 197 -9.87 -5.78 -3.60
N SER A 198 -9.20 -6.15 -4.68
CA SER A 198 -9.83 -6.83 -5.80
C SER A 198 -9.35 -8.27 -5.94
N GLY A 199 -8.64 -8.79 -4.94
CA GLY A 199 -8.15 -10.14 -5.01
C GLY A 199 -6.82 -10.30 -5.72
N LYS A 200 -6.09 -9.21 -5.95
CA LYS A 200 -4.74 -9.30 -6.48
C LYS A 200 -3.81 -9.77 -5.37
N TRP A 201 -2.72 -10.45 -5.77
CA TRP A 201 -1.75 -10.98 -4.81
C TRP A 201 -0.87 -9.86 -4.27
N LEU A 202 -0.92 -9.64 -2.94
CA LEU A 202 -0.04 -8.72 -2.23
C LEU A 202 1.13 -9.45 -1.58
N ALA A 203 0.88 -10.66 -1.11
CA ALA A 203 1.91 -11.54 -0.58
C ALA A 203 1.54 -12.95 -1.00
N ALA A 204 2.41 -13.59 -1.78
CA ALA A 204 2.11 -14.80 -2.52
C ALA A 204 3.14 -15.88 -2.24
N PRO A 205 2.88 -17.11 -2.68
CA PRO A 205 3.89 -18.18 -2.55
C PRO A 205 5.12 -17.93 -3.40
N ILE A 206 4.95 -17.72 -4.70
CA ILE A 206 6.07 -17.36 -5.57
C ILE A 206 5.91 -15.88 -5.90
N PRO A 207 6.99 -15.17 -6.24
CA PRO A 207 6.85 -13.74 -6.53
C PRO A 207 6.20 -13.45 -7.86
N GLU A 208 6.17 -14.43 -8.77
CA GLU A 208 5.51 -14.25 -10.07
C GLU A 208 4.02 -13.93 -9.90
N LEU A 209 3.40 -14.38 -8.80
CA LEU A 209 1.97 -14.17 -8.57
C LEU A 209 1.62 -12.76 -8.11
N LEU A 210 2.59 -11.97 -7.68
CA LEU A 210 2.25 -10.67 -7.11
C LEU A 210 1.58 -9.77 -8.13
N MET A 211 0.59 -9.00 -7.68
CA MET A 211 -0.07 -8.00 -8.50
C MET A 211 -1.06 -8.63 -9.48
N LYS A 212 -1.00 -9.95 -9.62
CA LYS A 212 -1.96 -10.67 -10.45
C LYS A 212 -3.21 -11.00 -9.65
N GLU A 213 -4.32 -11.20 -10.36
CA GLU A 213 -5.58 -11.52 -9.71
C GLU A 213 -5.63 -13.00 -9.34
N TYR A 214 -6.24 -13.29 -8.20
CA TYR A 214 -6.38 -14.67 -7.77
C TYR A 214 -7.26 -15.42 -8.75
N ASP A 215 -6.78 -16.57 -9.22
CA ASP A 215 -7.61 -17.46 -10.04
C ASP A 215 -7.29 -18.92 -9.74
N GLY A 216 -6.67 -19.20 -8.59
CA GLY A 216 -6.41 -20.56 -8.17
C GLY A 216 -7.68 -21.30 -7.80
N GLU A 217 -7.53 -22.42 -7.09
CA GLU A 217 -8.70 -23.13 -6.60
C GLU A 217 -9.49 -22.26 -5.62
N GLY A 218 -10.80 -22.44 -5.62
CA GLY A 218 -11.65 -21.68 -4.72
C GLY A 218 -11.82 -20.22 -5.08
N VAL A 219 -11.67 -19.88 -6.36
CA VAL A 219 -11.70 -18.47 -6.77
C VAL A 219 -13.04 -17.83 -6.42
N GLU A 220 -14.15 -18.52 -6.68
CA GLU A 220 -15.45 -17.90 -6.45
C GLU A 220 -15.65 -17.56 -4.98
N SER A 221 -15.17 -18.41 -4.08
CA SER A 221 -15.30 -18.11 -2.66
C SER A 221 -14.54 -16.83 -2.30
N VAL A 222 -13.37 -16.63 -2.91
CA VAL A 222 -12.65 -15.37 -2.73
C VAL A 222 -13.51 -14.19 -3.14
N LYS A 223 -14.14 -14.27 -4.33
CA LYS A 223 -15.03 -13.21 -4.77
C LYS A 223 -16.23 -13.04 -3.83
N ASP A 224 -16.73 -14.15 -3.28
CA ASP A 224 -17.86 -14.06 -2.35
C ASP A 224 -17.43 -13.57 -0.97
N ALA A 225 -16.28 -14.03 -0.48
CA ALA A 225 -15.74 -13.45 0.75
C ALA A 225 -15.53 -11.95 0.60
N LEU A 226 -14.99 -11.53 -0.54
CA LEU A 226 -14.81 -10.10 -0.81
C LEU A 226 -16.12 -9.33 -0.76
N SER A 227 -17.25 -9.97 -1.09
CA SER A 227 -18.53 -9.26 -1.13
C SER A 227 -19.17 -9.21 0.25
N THR A 228 -19.36 -10.37 0.86
CA THR A 228 -19.97 -10.45 2.18
C THR A 228 -19.07 -9.86 3.26
N GLY A 229 -17.77 -9.82 3.04
CA GLY A 229 -16.85 -9.36 4.06
C GLY A 229 -16.72 -10.34 5.20
N THR A 230 -17.24 -11.53 5.02
CA THR A 230 -17.13 -12.59 5.99
C THR A 230 -16.18 -13.68 5.51
N PRO A 231 -15.67 -14.50 6.41
CA PRO A 231 -14.65 -15.48 6.04
C PRO A 231 -15.22 -16.62 5.22
N ARG A 232 -14.39 -17.16 4.34
CA ARG A 232 -14.68 -18.38 3.62
C ARG A 232 -13.53 -19.36 3.79
N MET A 233 -13.79 -20.63 3.48
CA MET A 233 -12.77 -21.67 3.52
C MET A 233 -12.84 -22.48 2.24
N ILE A 234 -11.73 -22.52 1.52
CA ILE A 234 -11.57 -23.37 0.34
C ILE A 234 -11.04 -24.70 0.82
N GLU A 235 -11.80 -25.78 0.57
CA GLU A 235 -11.47 -27.08 1.12
C GLU A 235 -10.69 -27.92 0.11
N ASN A 236 -9.64 -28.53 0.59
CA ASN A 236 -8.88 -29.41 -0.21
C ASN A 236 -8.37 -28.93 -1.53
N LEU A 237 -7.33 -28.11 -1.50
CA LEU A 237 -6.69 -27.75 -2.73
C LEU A 237 -5.27 -28.15 -2.63
N THR A 238 -4.65 -28.39 -3.79
CA THR A 238 -3.35 -29.05 -3.89
C THR A 238 -2.29 -28.32 -4.66
N TYR A 239 -1.14 -28.13 -4.06
CA TYR A 239 -0.01 -27.65 -4.79
C TYR A 239 0.59 -29.02 -4.91
N ASP A 240 0.60 -29.56 -6.12
CA ASP A 240 0.17 -30.92 -6.41
C ASP A 240 0.85 -32.16 -5.87
N GLY A 241 -0.03 -33.04 -5.42
CA GLY A 241 0.34 -34.24 -4.72
C GLY A 241 0.81 -34.02 -3.32
N ASN A 242 1.78 -33.14 -3.16
CA ASN A 242 2.73 -33.28 -2.08
C ASN A 242 2.13 -33.24 -0.68
N GLU A 243 1.33 -32.22 -0.40
CA GLU A 243 0.60 -32.13 0.84
C GLU A 243 -0.55 -31.28 0.45
N PRO A 244 -1.81 -31.77 0.80
CA PRO A 244 -2.88 -30.88 0.41
C PRO A 244 -3.35 -30.18 1.64
N PHE A 245 -4.02 -29.08 1.44
CA PHE A 245 -4.33 -28.22 2.54
C PHE A 245 -5.57 -27.46 2.30
N ASP A 246 -5.93 -26.69 3.30
CA ASP A 246 -7.12 -25.84 3.21
C ASP A 246 -6.70 -24.38 3.11
N ARG A 247 -7.48 -23.60 2.37
CA ARG A 247 -7.24 -22.17 2.23
C ARG A 247 -8.38 -21.43 2.91
N VAL A 248 -8.08 -20.72 3.99
CA VAL A 248 -9.05 -19.86 4.66
C VAL A 248 -8.81 -18.43 4.23
N VAL A 249 -9.87 -17.75 3.80
CA VAL A 249 -9.81 -16.36 3.39
C VAL A 249 -10.49 -15.51 4.45
N TYR A 250 -9.86 -14.39 4.80
CA TYR A 250 -10.32 -13.57 5.94
C TYR A 250 -10.26 -12.10 5.51
N PRO A 251 -11.37 -11.55 5.05
CA PRO A 251 -11.41 -10.11 4.76
C PRO A 251 -11.30 -9.30 6.04
N PHE A 252 -10.72 -8.10 5.90
CA PHE A 252 -10.64 -7.18 7.01
C PHE A 252 -10.49 -5.76 6.47
N SER A 253 -11.22 -4.82 7.07
CA SER A 253 -11.22 -3.43 6.61
C SER A 253 -9.96 -2.70 7.02
N LEU A 254 -9.48 -1.85 6.17
CA LEU A 254 -8.28 -1.17 6.46
C LEU A 254 -8.76 0.10 6.92
N PRO A 255 -8.03 0.73 7.93
CA PRO A 255 -8.71 1.81 8.57
C PRO A 255 -9.16 3.02 7.88
N ASP A 256 -8.38 3.76 7.14
CA ASP A 256 -8.87 5.06 6.74
C ASP A 256 -9.03 5.28 5.30
N VAL A 257 -8.64 4.32 4.52
CA VAL A 257 -8.41 4.43 3.10
C VAL A 257 -9.47 3.74 2.34
N ASN A 258 -10.51 3.41 3.00
CA ASN A 258 -11.69 2.90 2.31
C ASN A 258 -11.35 1.71 1.40
N ALA A 259 -11.06 0.59 2.06
CA ALA A 259 -10.72 -0.64 1.36
C ALA A 259 -10.61 -1.76 2.37
N GLN A 260 -10.63 -2.99 1.87
CA GLN A 260 -10.40 -4.16 2.68
C GLN A 260 -9.42 -5.08 1.96
N TRP A 261 -8.73 -5.91 2.75
CA TRP A 261 -7.82 -6.91 2.23
C TRP A 261 -8.23 -8.30 2.72
N LEU A 262 -7.70 -9.32 2.05
CA LEU A 262 -7.89 -10.70 2.45
C LEU A 262 -6.59 -11.23 3.04
N VAL A 263 -6.68 -11.77 4.23
CA VAL A 263 -5.67 -12.67 4.75
C VAL A 263 -6.01 -14.07 4.24
N LEU A 264 -5.02 -14.75 3.70
CA LEU A 264 -5.14 -16.15 3.34
C LEU A 264 -4.26 -16.92 4.29
N VAL A 265 -4.82 -17.96 4.90
CA VAL A 265 -4.09 -18.77 5.84
C VAL A 265 -4.20 -20.21 5.35
N ASP A 266 -3.06 -20.82 5.04
CA ASP A 266 -3.01 -22.14 4.46
C ASP A 266 -2.63 -23.13 5.54
N VAL A 267 -3.47 -24.13 5.75
CA VAL A 267 -3.26 -25.14 6.79
C VAL A 267 -3.19 -26.50 6.11
N PRO A 268 -2.07 -27.22 6.22
CA PRO A 268 -1.98 -28.54 5.59
C PRO A 268 -2.65 -29.62 6.42
N ARG A 269 -3.15 -30.63 5.71
CA ARG A 269 -3.79 -31.80 6.32
C ARG A 269 -2.79 -32.68 7.06
C TRS B . -12.91 -22.39 -8.95
C1 TRS B . -13.93 -22.04 -7.88
C2 TRS B . -13.05 -21.50 -10.19
C3 TRS B . -13.05 -23.86 -9.37
N TRS B . -11.57 -22.21 -8.38
O1 TRS B . -14.81 -21.03 -8.36
O2 TRS B . -12.76 -20.16 -9.87
O3 TRS B . -12.65 -24.68 -8.29
N PBE C . 5.59 6.92 -6.53
CD PBE C . 4.45 7.38 -6.09
CA PBE C . 5.15 6.20 -7.79
CB PBE C . 4.15 7.26 -8.43
CG PBE C . 3.62 7.84 -7.43
CE PBE C . 6.52 8.04 -6.80
CF PBE C . 6.16 5.97 -5.55
C PBE C . 6.20 5.84 -8.72
O PBE C . 5.89 5.56 -9.91
OXT PBE C . 7.40 5.76 -8.36
HD1 PBE C . 3.97 6.70 -5.62
HD2 PBE C . 4.60 8.16 -5.51
HA PBE C . 4.65 5.40 -7.55
HB1 PBE C . 3.47 6.80 -8.95
HB2 PBE C . 4.64 7.90 -8.97
HG1 PBE C . 2.69 7.58 -7.35
HE1 PBE C . 6.10 8.66 -7.41
HE2 PBE C . 6.73 8.49 -5.97
HE3 PBE C . 7.34 7.69 -7.19
HF1 PBE C . 6.25 6.41 -4.69
HF2 PBE C . 5.58 5.20 -5.47
HF3 PBE C . 7.04 5.68 -5.87
#